data_6U00
#
_entry.id   6U00
#
_cell.length_a   55.436
_cell.length_b   122.873
_cell.length_c   150.618
_cell.angle_alpha   90.000
_cell.angle_beta   90.000
_cell.angle_gamma   90.000
#
_symmetry.space_group_name_H-M   'C 2 2 21'
#
loop_
_entity.id
_entity.type
_entity.pdbx_description
1 polymer 'tRNA ligase'
2 non-polymer 'PHOSPHATE ION'
3 water water
#
_entity_poly.entity_id   1
_entity_poly.type   'polypeptide(L)'
_entity_poly.pdbx_seq_one_letter_code
;ANGNEGLSTTTKYIFVPIATIGCGKTTVFNTLNNLFPQWTHIQNDNISKKAKLKICDLTLLALEDDDQSVVLFDRNNSAS
RERRQIFTTIDQKRDEHLDDTVDLKYIAINFIPEDLSEEELWDITYNRVIQRGDNHQSIKSQLDENLVESVMKGFIQRYQ
PINTSRSPDDQFDHVIHLKLSKDENSLKSSLENVRIIIDDLVQNFPDLIKEKPADELINECFQKALDYKPTFVKNMTANT
IKKDPTYYGIAMHYSSILENLEIVSHNEHFQNIKSHIQTEFHVTLGHIASSKQDKAGRVKWKKLVKTLGKGDPNKPKSAL
KFFADVKLLQIVINTDKLACIKVEILKIYDTNDVLQSEIEPINKQLHITIGCIPPATAVESNITLEELYDNPDEQELKPD
GTYKCGDDTLHVFNFDNPDLKLFSQQLFVAYQ
;
_entity_poly.pdbx_strand_id   A,B
#
loop_
_chem_comp.id
_chem_comp.type
_chem_comp.name
_chem_comp.formula
PO4 non-polymer 'PHOSPHATE ION' 'O4 P -3'
#
# COMPACT_ATOMS: atom_id res chain seq x y z
N THR A 9 -20.50 10.48 -11.85
CA THR A 9 -19.10 10.01 -11.87
C THR A 9 -18.77 8.54 -11.55
N THR A 10 -18.87 7.72 -12.59
CA THR A 10 -18.26 6.41 -12.64
C THR A 10 -16.78 6.57 -13.02
N THR A 11 -15.95 5.67 -12.51
CA THR A 11 -14.51 5.71 -12.74
C THR A 11 -14.07 4.41 -13.39
N LYS A 12 -13.25 4.52 -14.46
CA LYS A 12 -12.71 3.37 -15.18
C LYS A 12 -11.19 3.41 -15.10
N TYR A 13 -10.58 2.24 -15.23
CA TYR A 13 -9.15 2.08 -14.96
C TYR A 13 -8.48 1.28 -16.06
N ILE A 14 -7.26 1.70 -16.40
CA ILE A 14 -6.38 0.93 -17.27
C ILE A 14 -5.08 0.74 -16.51
N PHE A 15 -4.72 -0.54 -16.25
CA PHE A 15 -3.48 -0.92 -15.57
C PHE A 15 -2.42 -1.12 -16.62
N VAL A 16 -1.36 -0.31 -16.55
CA VAL A 16 -0.33 -0.24 -17.59
C VAL A 16 1.01 -0.71 -17.00
N PRO A 17 1.55 -1.85 -17.42
CA PRO A 17 2.88 -2.23 -16.96
C PRO A 17 3.98 -1.40 -17.59
N ILE A 18 5.07 -1.26 -16.84
CA ILE A 18 6.36 -0.84 -17.34
C ILE A 18 7.28 -1.99 -17.00
N ALA A 19 7.73 -2.71 -18.02
CA ALA A 19 8.40 -3.97 -17.76
C ALA A 19 9.24 -4.37 -18.97
N THR A 20 10.03 -5.43 -18.80
CA THR A 20 10.71 -6.12 -19.90
C THR A 20 10.39 -7.61 -19.80
N ILE A 21 10.95 -8.41 -20.73
CA ILE A 21 10.80 -9.86 -20.63
C ILE A 21 11.37 -10.36 -19.32
N GLY A 22 10.72 -11.39 -18.75
CA GLY A 22 11.21 -12.01 -17.56
C GLY A 22 10.77 -11.34 -16.28
N CYS A 23 9.89 -10.34 -16.35
CA CYS A 23 9.39 -9.67 -15.16
C CYS A 23 8.11 -10.30 -14.66
N GLY A 24 7.58 -11.31 -15.35
CA GLY A 24 6.42 -12.02 -14.88
C GLY A 24 5.12 -11.26 -15.01
N LYS A 25 5.02 -10.30 -15.95
CA LYS A 25 3.82 -9.47 -15.96
C LYS A 25 2.57 -10.26 -16.33
N THR A 26 2.68 -11.21 -17.25
CA THR A 26 1.48 -11.95 -17.64
C THR A 26 1.04 -12.89 -16.51
N THR A 27 1.99 -13.48 -15.79
CA THR A 27 1.64 -14.27 -14.61
C THR A 27 0.90 -13.42 -13.58
N VAL A 28 1.41 -12.21 -13.32
CA VAL A 28 0.78 -11.33 -12.34
C VAL A 28 -0.63 -10.96 -12.78
N PHE A 29 -0.79 -10.57 -14.05
CA PHE A 29 -2.12 -10.16 -14.53
C PHE A 29 -3.08 -11.35 -14.55
N ASN A 30 -2.61 -12.52 -14.98
CA ASN A 30 -3.46 -13.71 -14.94
C ASN A 30 -3.91 -14.00 -13.51
N THR A 31 -3.01 -13.89 -12.54
CA THR A 31 -3.41 -14.13 -11.14
C THR A 31 -4.50 -13.14 -10.71
N LEU A 32 -4.28 -11.86 -10.97
CA LEU A 32 -5.26 -10.84 -10.58
C LEU A 32 -6.62 -11.09 -11.25
N ASN A 33 -6.61 -11.44 -12.53
CA ASN A 33 -7.87 -11.70 -13.23
C ASN A 33 -8.57 -12.94 -12.66
N ASN A 34 -7.79 -13.95 -12.27
CA ASN A 34 -8.40 -15.11 -11.59
C ASN A 34 -9.09 -14.66 -10.30
N LEU A 35 -8.46 -13.77 -9.53
CA LEU A 35 -9.07 -13.27 -8.31
C LEU A 35 -10.26 -12.37 -8.60
N PHE A 36 -10.22 -11.59 -9.70
CA PHE A 36 -11.27 -10.64 -10.03
C PHE A 36 -11.71 -10.89 -11.47
N PRO A 37 -12.59 -11.88 -11.67
CA PRO A 37 -12.95 -12.26 -13.05
C PRO A 37 -13.67 -11.18 -13.83
N GLN A 38 -14.23 -10.15 -13.17
CA GLN A 38 -14.85 -9.06 -13.92
C GLN A 38 -13.83 -8.13 -14.55
N TRP A 39 -12.58 -8.16 -14.13
CA TRP A 39 -11.56 -7.40 -14.85
C TRP A 39 -11.29 -8.08 -16.20
N THR A 40 -10.83 -7.30 -17.18
CA THR A 40 -10.51 -7.84 -18.50
C THR A 40 -9.01 -7.76 -18.77
N HIS A 41 -8.43 -8.88 -19.17
CA HIS A 41 -7.00 -9.00 -19.44
C HIS A 41 -6.82 -9.00 -20.95
N ILE A 42 -6.25 -7.95 -21.51
CA ILE A 42 -6.06 -7.86 -22.96
C ILE A 42 -4.57 -8.03 -23.25
N GLN A 43 -4.21 -9.07 -24.01
CA GLN A 43 -2.81 -9.40 -24.27
C GLN A 43 -2.38 -8.97 -25.65
N ASN A 44 -1.37 -8.10 -25.70
CA ASN A 44 -0.86 -7.59 -26.97
C ASN A 44 -0.34 -8.70 -27.85
N ASP A 45 0.31 -9.72 -27.24
CA ASP A 45 0.94 -10.79 -28.00
C ASP A 45 -0.08 -11.70 -28.68
N ASN A 46 -1.37 -11.56 -28.38
CA ASN A 46 -2.42 -12.33 -29.01
C ASN A 46 -3.17 -11.56 -30.10
N ILE A 47 -2.85 -10.29 -30.32
CA ILE A 47 -3.48 -9.47 -31.35
C ILE A 47 -2.60 -9.39 -32.59
N SER A 48 -3.19 -9.64 -33.78
CA SER A 48 -2.45 -9.55 -35.03
C SER A 48 -2.01 -8.12 -35.33
N LYS A 49 -0.86 -8.00 -35.99
CA LYS A 49 -0.41 -6.66 -36.37
C LYS A 49 -1.34 -6.05 -37.40
N LYS A 50 -2.07 -6.90 -38.14
CA LYS A 50 -3.01 -6.42 -39.14
C LYS A 50 -4.45 -6.49 -38.67
N ALA A 51 -4.67 -6.66 -37.36
CA ALA A 51 -6.02 -6.72 -36.83
C ALA A 51 -6.70 -5.37 -36.95
N LYS A 52 -8.00 -5.38 -37.25
CA LYS A 52 -8.71 -4.12 -37.34
C LYS A 52 -8.86 -3.50 -35.95
N LEU A 53 -9.16 -4.32 -34.93
CA LEU A 53 -9.21 -3.83 -33.55
C LEU A 53 -7.87 -4.10 -32.88
N LYS A 54 -7.20 -3.04 -32.48
CA LYS A 54 -5.90 -3.17 -31.84
C LYS A 54 -6.10 -3.07 -30.34
N ILE A 55 -5.00 -3.13 -29.59
CA ILE A 55 -5.13 -3.30 -28.15
C ILE A 55 -5.85 -2.10 -27.54
N CYS A 56 -5.64 -0.91 -28.09
CA CYS A 56 -6.29 0.26 -27.52
C CYS A 56 -7.79 0.27 -27.83
N ASP A 57 -8.18 -0.26 -29.00
CA ASP A 57 -9.60 -0.41 -29.33
C ASP A 57 -10.23 -1.42 -28.39
N LEU A 58 -9.56 -2.57 -28.21
CA LEU A 58 -10.08 -3.62 -27.35
C LEU A 58 -10.17 -3.17 -25.90
N THR A 59 -9.21 -2.35 -25.45
CA THR A 59 -9.23 -1.80 -24.10
C THR A 59 -10.48 -0.98 -23.85
N LEU A 60 -10.79 -0.05 -24.75
CA LEU A 60 -11.97 0.78 -24.60
C LEU A 60 -13.26 -0.01 -24.80
N LEU A 61 -13.24 -1.02 -25.68
CA LEU A 61 -14.41 -1.86 -25.81
C LEU A 61 -14.72 -2.54 -24.48
N ALA A 62 -13.70 -2.96 -23.76
CA ALA A 62 -13.86 -3.67 -22.49
C ALA A 62 -14.08 -2.73 -21.31
N LEU A 63 -14.37 -1.46 -21.57
CA LEU A 63 -14.74 -0.52 -20.52
C LEU A 63 -16.09 0.11 -20.79
N GLU A 64 -16.80 -0.33 -21.83
CA GLU A 64 -18.03 0.34 -22.23
C GLU A 64 -19.16 0.14 -21.23
N ASP A 65 -19.25 -1.05 -20.62
CA ASP A 65 -20.40 -1.40 -19.81
C ASP A 65 -20.22 -0.99 -18.36
N ASP A 66 -21.34 -0.79 -17.66
CA ASP A 66 -21.28 -0.47 -16.24
C ASP A 66 -20.63 -1.61 -15.45
N ASP A 67 -20.72 -2.83 -15.97
CA ASP A 67 -20.06 -4.00 -15.40
C ASP A 67 -18.55 -3.94 -15.56
N GLN A 68 -18.05 -3.06 -16.43
CA GLN A 68 -16.67 -3.09 -16.87
C GLN A 68 -15.94 -1.87 -16.32
N SER A 69 -14.99 -2.11 -15.43
CA SER A 69 -14.27 -1.08 -14.70
C SER A 69 -12.76 -1.12 -14.90
N VAL A 70 -12.19 -2.30 -15.17
CA VAL A 70 -10.74 -2.46 -15.17
C VAL A 70 -10.30 -3.18 -16.42
N VAL A 71 -9.25 -2.67 -17.06
CA VAL A 71 -8.56 -3.41 -18.09
C VAL A 71 -7.12 -3.59 -17.65
N LEU A 72 -6.64 -4.82 -17.71
CA LEU A 72 -5.22 -5.14 -17.53
C LEU A 72 -4.58 -5.10 -18.92
N PHE A 73 -3.80 -4.04 -19.18
CA PHE A 73 -3.25 -3.73 -20.51
C PHE A 73 -1.91 -4.47 -20.65
N ASP A 74 -1.94 -5.68 -21.21
CA ASP A 74 -0.78 -6.55 -21.13
C ASP A 74 0.19 -6.32 -22.30
N ARG A 75 1.16 -5.46 -22.09
CA ARG A 75 2.24 -5.10 -23.01
C ARG A 75 3.38 -4.54 -22.19
N ASN A 76 4.62 -4.71 -22.67
CA ASN A 76 5.78 -4.33 -21.85
C ASN A 76 5.88 -2.82 -21.66
N ASN A 77 5.73 -2.06 -22.73
CA ASN A 77 5.86 -0.59 -22.68
C ASN A 77 7.19 -0.14 -22.11
N SER A 78 8.28 -0.78 -22.58
CA SER A 78 9.59 -0.52 -22.00
C SER A 78 10.10 0.88 -22.33
N ALA A 79 9.73 1.42 -23.47
CA ALA A 79 10.17 2.74 -23.90
C ALA A 79 9.10 3.79 -23.65
N SER A 80 9.56 5.03 -23.39
CA SER A 80 8.65 6.14 -23.14
C SER A 80 7.66 6.31 -24.28
N ARG A 81 8.13 6.14 -25.53
CA ARG A 81 7.26 6.26 -26.71
C ARG A 81 6.04 5.35 -26.59
N GLU A 82 6.21 4.16 -26.01
CA GLU A 82 5.07 3.24 -25.94
C GLU A 82 4.05 3.71 -24.91
N ARG A 83 4.51 4.28 -23.81
CA ARG A 83 3.54 4.85 -22.87
C ARG A 83 2.85 6.06 -23.49
N ARG A 84 3.58 6.88 -24.24
CA ARG A 84 2.94 8.01 -24.91
C ARG A 84 1.92 7.53 -25.94
N GLN A 85 2.21 6.41 -26.61
CA GLN A 85 1.28 5.89 -27.60
C GLN A 85 -0.03 5.48 -26.93
N ILE A 86 0.06 4.91 -25.72
CA ILE A 86 -1.15 4.54 -24.98
C ILE A 86 -2.00 5.77 -24.68
N PHE A 87 -1.39 6.79 -24.06
CA PHE A 87 -2.14 7.97 -23.66
C PHE A 87 -2.79 8.63 -24.87
N THR A 88 -2.02 8.78 -25.96
CA THR A 88 -2.50 9.48 -27.15
C THR A 88 -3.66 8.72 -27.79
N THR A 89 -3.47 7.42 -27.99
CA THR A 89 -4.47 6.66 -28.73
C THR A 89 -5.74 6.49 -27.93
N ILE A 90 -5.63 6.19 -26.63
CA ILE A 90 -6.83 6.04 -25.83
C ILE A 90 -7.59 7.35 -25.74
N ASP A 91 -6.87 8.46 -25.55
CA ASP A 91 -7.55 9.76 -25.52
C ASP A 91 -8.25 10.06 -26.85
N GLN A 92 -7.63 9.66 -27.96
CA GLN A 92 -8.24 9.94 -29.26
C GLN A 92 -9.49 9.11 -29.51
N LYS A 93 -9.49 7.87 -29.00
CA LYS A 93 -10.56 6.91 -29.26
C LYS A 93 -11.65 6.85 -28.20
N ARG A 94 -11.44 7.47 -27.02
CA ARG A 94 -12.37 7.15 -25.93
C ARG A 94 -13.79 7.62 -26.23
N ASP A 95 -13.94 8.70 -26.99
CA ASP A 95 -15.26 9.21 -27.35
C ASP A 95 -16.08 8.20 -28.14
N GLU A 96 -15.42 7.25 -28.80
CA GLU A 96 -16.14 6.21 -29.54
C GLU A 96 -16.78 5.19 -28.61
N HIS A 97 -16.41 5.21 -27.34
CA HIS A 97 -16.75 4.14 -26.41
C HIS A 97 -17.35 4.62 -25.08
N LEU A 98 -16.88 5.76 -24.57
CA LEU A 98 -17.31 6.25 -23.26
C LEU A 98 -17.87 7.67 -23.40
N ASP A 99 -18.82 8.05 -22.55
CA ASP A 99 -19.09 9.47 -22.62
C ASP A 99 -17.96 10.23 -21.94
N ASP A 100 -17.79 11.50 -22.36
CA ASP A 100 -16.57 12.21 -22.02
C ASP A 100 -16.53 12.73 -20.58
N THR A 101 -17.60 12.58 -19.79
CA THR A 101 -17.56 12.88 -18.36
C THR A 101 -17.01 11.73 -17.53
N VAL A 102 -16.92 10.52 -18.10
CA VAL A 102 -16.40 9.38 -17.34
C VAL A 102 -14.94 9.66 -17.00
N ASP A 103 -14.57 9.42 -15.74
CA ASP A 103 -13.19 9.60 -15.29
C ASP A 103 -12.40 8.34 -15.59
N LEU A 104 -11.41 8.46 -16.49
CA LEU A 104 -10.59 7.35 -16.91
C LEU A 104 -9.24 7.52 -16.25
N LYS A 105 -8.84 6.53 -15.46
CA LYS A 105 -7.60 6.59 -14.68
C LYS A 105 -6.59 5.59 -15.21
N TYR A 106 -5.36 6.05 -15.39
CA TYR A 106 -4.25 5.22 -15.82
C TYR A 106 -3.39 4.90 -14.60
N ILE A 107 -3.18 3.60 -14.33
CA ILE A 107 -2.38 3.16 -13.21
C ILE A 107 -1.15 2.46 -13.74
N ALA A 108 0.03 3.01 -13.45
CA ALA A 108 1.26 2.35 -13.85
C ALA A 108 1.59 1.22 -12.88
N ILE A 109 1.96 0.07 -13.42
CA ILE A 109 2.45 -1.06 -12.63
C ILE A 109 3.93 -1.18 -12.98
N ASN A 110 4.78 -0.62 -12.11
CA ASN A 110 6.20 -0.49 -12.44
C ASN A 110 6.96 -1.72 -11.98
N PHE A 111 7.37 -2.56 -12.95
CA PHE A 111 8.07 -3.79 -12.59
C PHE A 111 9.56 -3.59 -12.34
N ILE A 112 10.13 -2.47 -12.77
CA ILE A 112 11.57 -2.26 -12.70
C ILE A 112 11.87 -1.04 -11.86
N PRO A 113 12.40 -1.19 -10.66
CA PRO A 113 12.71 -0.03 -9.82
C PRO A 113 13.63 0.95 -10.54
N GLU A 114 13.32 2.24 -10.40
CA GLU A 114 14.07 3.28 -11.11
C GLU A 114 15.52 3.38 -10.64
N ASP A 115 15.85 2.81 -9.49
CA ASP A 115 17.23 2.80 -9.02
C ASP A 115 18.11 1.87 -9.83
N LEU A 116 17.54 0.92 -10.56
CA LEU A 116 18.31 -0.15 -11.18
C LEU A 116 19.04 0.32 -12.44
N SER A 117 20.35 0.07 -12.46
CA SER A 117 21.22 0.27 -13.62
C SER A 117 20.85 -0.62 -14.80
N GLU A 118 21.46 -0.30 -15.96
CA GLU A 118 21.28 -1.10 -17.16
C GLU A 118 21.84 -2.49 -16.91
N GLU A 119 22.84 -2.58 -16.02
CA GLU A 119 23.64 -3.77 -15.75
C GLU A 119 22.99 -4.81 -14.83
N GLU A 120 22.53 -4.53 -13.59
CA GLU A 120 21.86 -5.65 -12.93
C GLU A 120 20.42 -5.76 -13.39
N LEU A 121 19.88 -4.78 -14.13
CA LEU A 121 18.64 -5.15 -14.79
C LEU A 121 18.90 -6.31 -15.72
N TRP A 122 20.04 -6.29 -16.40
CA TRP A 122 20.42 -7.39 -17.28
C TRP A 122 20.71 -8.66 -16.49
N ASP A 123 21.51 -8.55 -15.42
CA ASP A 123 21.90 -9.74 -14.67
C ASP A 123 20.69 -10.40 -14.03
N ILE A 124 19.76 -9.61 -13.49
CA ILE A 124 18.53 -10.18 -12.94
C ILE A 124 17.72 -10.88 -14.02
N THR A 125 17.43 -10.17 -15.12
CA THR A 125 16.61 -10.74 -16.19
C THR A 125 17.30 -11.93 -16.84
N TYR A 126 18.62 -11.88 -17.00
CA TYR A 126 19.34 -12.98 -17.63
C TYR A 126 19.27 -14.25 -16.79
N ASN A 127 19.39 -14.12 -15.47
CA ASN A 127 19.46 -15.31 -14.63
C ASN A 127 18.08 -15.90 -14.33
N ARG A 128 17.04 -15.05 -14.31
CA ARG A 128 15.70 -15.54 -14.03
C ARG A 128 15.22 -16.50 -15.13
N VAL A 129 15.60 -16.25 -16.37
CA VAL A 129 15.05 -17.07 -17.46
C VAL A 129 15.81 -18.36 -17.74
N ILE A 130 17.06 -18.48 -17.28
CA ILE A 130 17.78 -19.75 -17.41
C ILE A 130 17.79 -20.59 -16.14
N GLN A 131 17.67 -19.96 -14.98
CA GLN A 131 17.76 -20.65 -13.68
C GLN A 131 19.15 -21.27 -13.47
N LEU A 143 17.82 -25.25 -23.09
CA LEU A 143 18.85 -25.74 -23.99
C LEU A 143 19.57 -24.60 -24.72
N ASP A 144 18.79 -23.61 -25.16
CA ASP A 144 19.31 -22.50 -25.96
C ASP A 144 19.91 -21.42 -25.08
N GLU A 145 21.01 -20.83 -25.55
CA GLU A 145 21.44 -19.56 -24.96
C GLU A 145 21.95 -18.54 -25.98
N ASN A 146 22.21 -18.97 -27.22
CA ASN A 146 22.58 -18.00 -28.26
C ASN A 146 21.49 -16.94 -28.41
N LEU A 147 20.24 -17.40 -28.44
CA LEU A 147 19.11 -16.52 -28.59
C LEU A 147 18.93 -15.63 -27.37
N VAL A 148 19.28 -16.15 -26.20
CA VAL A 148 18.87 -15.57 -24.95
C VAL A 148 19.88 -14.56 -24.41
N GLU A 149 21.02 -14.36 -25.07
CA GLU A 149 21.92 -13.42 -24.41
C GLU A 149 22.04 -12.01 -24.97
N SER A 150 22.51 -11.83 -26.20
CA SER A 150 22.54 -10.49 -26.78
C SER A 150 21.32 -10.13 -27.64
N VAL A 151 20.27 -10.97 -27.66
CA VAL A 151 19.02 -10.65 -28.35
C VAL A 151 17.87 -10.31 -27.39
N MET A 152 17.99 -10.64 -26.12
CA MET A 152 17.13 -10.10 -25.08
C MET A 152 17.78 -8.88 -24.54
N LYS A 153 18.93 -8.58 -25.12
CA LYS A 153 19.62 -7.35 -24.85
C LYS A 153 19.36 -6.30 -25.92
N GLY A 154 18.64 -6.68 -26.98
CA GLY A 154 17.82 -5.73 -27.70
C GLY A 154 16.60 -5.31 -26.90
N PHE A 155 16.02 -6.25 -26.14
CA PHE A 155 14.88 -5.92 -25.28
C PHE A 155 15.28 -4.93 -24.20
N ILE A 156 16.36 -5.23 -23.48
CA ILE A 156 16.73 -4.47 -22.30
C ILE A 156 17.30 -3.10 -22.67
N GLN A 157 17.90 -2.97 -23.86
CA GLN A 157 18.44 -1.68 -24.28
C GLN A 157 17.34 -0.64 -24.44
N ARG A 158 16.14 -1.05 -24.86
CA ARG A 158 15.06 -0.12 -25.12
C ARG A 158 14.30 0.23 -23.86
N TYR A 159 14.80 -0.16 -22.71
CA TYR A 159 14.04 0.15 -21.50
C TYR A 159 14.37 1.56 -21.03
N GLN A 160 13.33 2.33 -20.76
CA GLN A 160 13.47 3.69 -20.23
C GLN A 160 12.62 3.80 -18.97
N PRO A 161 13.22 4.03 -17.81
CA PRO A 161 12.45 3.95 -16.57
C PRO A 161 11.29 4.95 -16.54
N ILE A 162 10.27 4.62 -15.75
CA ILE A 162 9.17 5.56 -15.58
C ILE A 162 9.70 6.86 -15.01
N ASN A 163 9.15 7.98 -15.49
CA ASN A 163 9.54 9.31 -14.98
C ASN A 163 8.30 10.19 -15.03
N THR A 164 7.59 10.25 -13.91
CA THR A 164 6.32 10.96 -13.78
C THR A 164 6.49 12.48 -13.63
N SER A 165 7.71 13.00 -13.70
CA SER A 165 7.95 14.43 -13.65
C SER A 165 7.88 15.10 -15.02
N ARG A 166 7.69 14.32 -16.10
CA ARG A 166 7.64 14.89 -17.46
C ARG A 166 6.79 13.98 -18.35
N SER A 167 6.44 14.46 -19.54
CA SER A 167 5.66 13.64 -20.45
C SER A 167 6.50 12.46 -20.97
N PRO A 168 5.86 11.31 -21.24
CA PRO A 168 4.41 11.03 -21.14
C PRO A 168 3.97 10.54 -19.79
N ASP A 169 4.91 10.08 -18.95
CA ASP A 169 4.54 9.37 -17.73
C ASP A 169 3.85 10.27 -16.70
N ASP A 170 3.94 11.60 -16.86
CA ASP A 170 3.23 12.48 -15.93
C ASP A 170 1.72 12.38 -16.11
N GLN A 171 1.24 11.65 -17.12
CA GLN A 171 -0.19 11.43 -17.22
C GLN A 171 -0.70 10.26 -16.38
N PHE A 172 0.18 9.45 -15.79
CA PHE A 172 -0.30 8.41 -14.87
C PHE A 172 -0.97 9.02 -13.65
N ASP A 173 -2.12 8.46 -13.27
CA ASP A 173 -2.82 8.89 -12.07
C ASP A 173 -2.19 8.30 -10.81
N HIS A 174 -1.53 7.16 -10.91
CA HIS A 174 -0.98 6.48 -9.73
C HIS A 174 0.10 5.52 -10.23
N VAL A 175 1.10 5.29 -9.39
CA VAL A 175 2.16 4.33 -9.69
C VAL A 175 2.23 3.30 -8.57
N ILE A 176 2.20 2.02 -8.93
CA ILE A 176 2.46 0.95 -7.98
C ILE A 176 3.87 0.45 -8.20
N HIS A 177 4.68 0.40 -7.14
CA HIS A 177 6.09 0.03 -7.26
C HIS A 177 6.27 -1.43 -6.89
N LEU A 178 6.71 -2.24 -7.85
CA LEU A 178 6.87 -3.67 -7.57
C LEU A 178 8.34 -3.94 -7.22
N LYS A 179 8.56 -5.14 -6.68
CA LYS A 179 9.87 -5.63 -6.33
C LYS A 179 10.52 -6.36 -7.49
N LEU A 180 11.85 -6.25 -7.58
CA LEU A 180 12.65 -7.00 -8.54
C LEU A 180 14.02 -7.26 -7.90
N SER A 181 14.26 -8.48 -7.42
CA SER A 181 15.46 -8.80 -6.65
C SER A 181 16.33 -9.81 -7.35
N LYS A 182 17.64 -9.51 -7.43
CA LYS A 182 18.67 -10.52 -7.64
C LYS A 182 18.38 -11.80 -6.87
N ASP A 183 18.20 -11.67 -5.55
CA ASP A 183 18.00 -12.76 -4.62
C ASP A 183 17.03 -13.83 -5.13
N GLU A 184 15.82 -13.40 -5.48
CA GLU A 184 14.65 -14.26 -5.36
C GLU A 184 14.42 -15.12 -6.58
N ASN A 185 13.80 -16.28 -6.33
CA ASN A 185 13.15 -17.04 -7.38
C ASN A 185 12.14 -16.18 -8.11
N SER A 186 11.96 -16.44 -9.40
CA SER A 186 11.11 -15.57 -10.20
C SER A 186 9.63 -15.79 -9.90
N LEU A 187 9.28 -16.97 -9.38
CA LEU A 187 7.88 -17.23 -9.07
C LEU A 187 7.50 -16.74 -7.68
N LYS A 188 8.45 -16.76 -6.75
CA LYS A 188 8.19 -16.17 -5.44
C LYS A 188 8.00 -14.67 -5.57
N SER A 189 8.75 -14.03 -6.48
CA SER A 189 8.63 -12.59 -6.64
C SER A 189 7.30 -12.22 -7.28
N SER A 190 6.80 -13.06 -8.21
CA SER A 190 5.54 -12.74 -8.86
C SER A 190 4.38 -12.82 -7.88
N LEU A 191 4.42 -13.79 -6.96
CA LEU A 191 3.37 -13.88 -5.95
C LEU A 191 3.41 -12.68 -5.00
N GLU A 192 4.61 -12.25 -4.60
CA GLU A 192 4.72 -11.08 -3.75
C GLU A 192 4.23 -9.83 -4.46
N ASN A 193 4.49 -9.73 -5.77
CA ASN A 193 4.02 -8.59 -6.52
C ASN A 193 2.50 -8.54 -6.60
N VAL A 194 1.86 -9.70 -6.74
CA VAL A 194 0.39 -9.74 -6.73
C VAL A 194 -0.13 -9.16 -5.43
N ARG A 195 0.50 -9.54 -4.30
CA ARG A 195 0.08 -9.05 -2.99
C ARG A 195 0.31 -7.55 -2.87
N ILE A 196 1.44 -7.08 -3.39
CA ILE A 196 1.75 -5.65 -3.34
C ILE A 196 0.68 -4.85 -4.08
N ILE A 197 0.27 -5.34 -5.25
CA ILE A 197 -0.72 -4.60 -6.04
C ILE A 197 -2.05 -4.56 -5.30
N ILE A 198 -2.47 -5.69 -4.74
CA ILE A 198 -3.75 -5.77 -4.04
C ILE A 198 -3.76 -4.81 -2.86
N ASP A 199 -2.72 -4.85 -2.04
CA ASP A 199 -2.69 -4.02 -0.84
C ASP A 199 -2.66 -2.55 -1.20
N ASP A 200 -1.96 -2.19 -2.28
CA ASP A 200 -1.93 -0.79 -2.69
C ASP A 200 -3.28 -0.34 -3.21
N LEU A 201 -3.98 -1.21 -3.95
CA LEU A 201 -5.32 -0.88 -4.43
C LEU A 201 -6.31 -0.76 -3.27
N VAL A 202 -6.17 -1.62 -2.25
CA VAL A 202 -7.00 -1.48 -1.05
C VAL A 202 -6.83 -0.08 -0.43
N GLN A 203 -5.59 0.39 -0.34
CA GLN A 203 -5.35 1.69 0.29
C GLN A 203 -5.85 2.83 -0.57
N ASN A 204 -5.70 2.73 -1.88
CA ASN A 204 -5.89 3.85 -2.78
C ASN A 204 -7.19 3.81 -3.55
N PHE A 205 -7.74 2.63 -3.84
CA PHE A 205 -8.94 2.53 -4.67
C PHE A 205 -9.89 1.53 -4.06
N PRO A 206 -10.49 1.88 -2.91
CA PRO A 206 -11.39 0.92 -2.24
C PRO A 206 -12.61 0.59 -3.07
N ASP A 207 -12.94 1.42 -4.06
CA ASP A 207 -14.01 1.05 -4.99
C ASP A 207 -13.64 -0.17 -5.83
N LEU A 208 -12.34 -0.45 -6.01
CA LEU A 208 -11.94 -1.64 -6.77
C LEU A 208 -11.76 -2.88 -5.89
N ILE A 209 -11.15 -2.73 -4.72
CA ILE A 209 -10.94 -3.84 -3.77
C ILE A 209 -11.19 -3.31 -2.37
N LYS A 210 -12.22 -3.83 -1.70
CA LYS A 210 -12.47 -3.37 -0.33
C LYS A 210 -11.52 -4.02 0.68
N GLU A 211 -11.13 -5.26 0.48
CA GLU A 211 -10.21 -5.92 1.38
C GLU A 211 -9.41 -6.97 0.63
N LYS A 212 -8.20 -7.23 1.11
CA LYS A 212 -7.35 -8.24 0.49
C LYS A 212 -8.01 -9.61 0.60
N PRO A 213 -8.12 -10.38 -0.49
CA PRO A 213 -8.70 -11.72 -0.38
C PRO A 213 -7.87 -12.60 0.53
N ALA A 214 -8.49 -13.67 1.03
CA ALA A 214 -7.78 -14.62 1.87
C ALA A 214 -6.53 -15.10 1.13
N ASP A 215 -5.46 -15.33 1.89
CA ASP A 215 -4.20 -15.71 1.28
C ASP A 215 -4.32 -17.05 0.57
N GLU A 216 -5.14 -17.96 1.10
CA GLU A 216 -5.36 -19.24 0.42
C GLU A 216 -5.97 -19.03 -0.95
N LEU A 217 -6.88 -18.05 -1.07
CA LEU A 217 -7.48 -17.71 -2.36
C LEU A 217 -6.45 -17.15 -3.34
N ILE A 218 -5.64 -16.20 -2.87
CA ILE A 218 -4.58 -15.62 -3.70
C ILE A 218 -3.63 -16.71 -4.17
N ASN A 219 -3.27 -17.63 -3.27
CA ASN A 219 -2.37 -18.71 -3.65
C ASN A 219 -3.00 -19.62 -4.69
N GLU A 220 -4.27 -19.97 -4.50
CA GLU A 220 -4.96 -20.82 -5.47
C GLU A 220 -5.01 -20.16 -6.84
N CYS A 221 -5.30 -18.86 -6.87
CA CYS A 221 -5.42 -18.15 -8.14
C CYS A 221 -4.06 -18.00 -8.82
N PHE A 222 -3.00 -17.92 -8.02
CA PHE A 222 -1.63 -17.86 -8.55
C PHE A 222 -1.22 -19.21 -9.14
N GLN A 223 -1.54 -20.28 -8.45
CA GLN A 223 -1.18 -21.60 -8.96
C GLN A 223 -1.94 -21.90 -10.25
N LYS A 224 -3.21 -21.47 -10.33
CA LYS A 224 -3.96 -21.70 -11.55
C LYS A 224 -3.43 -20.84 -12.72
N ALA A 225 -2.89 -19.66 -12.43
CA ALA A 225 -2.25 -18.88 -13.48
C ALA A 225 -0.98 -19.55 -13.98
N LEU A 226 -0.23 -20.21 -13.10
CA LEU A 226 1.00 -20.89 -13.52
C LEU A 226 0.72 -22.06 -14.45
N ASP A 227 -0.52 -22.50 -14.56
CA ASP A 227 -0.88 -23.55 -15.51
C ASP A 227 -1.49 -23.00 -16.80
N TYR A 228 -1.77 -21.69 -16.85
CA TYR A 228 -2.52 -21.10 -17.95
C TYR A 228 -1.59 -20.84 -19.13
N LYS A 229 -1.51 -21.80 -20.02
CA LYS A 229 -1.25 -21.56 -21.43
C LYS A 229 -1.93 -22.65 -22.24
N PRO A 230 -3.24 -22.90 -22.05
CA PRO A 230 -3.87 -24.05 -22.70
C PRO A 230 -4.48 -23.71 -24.06
N THR B 9 16.97 17.81 2.77
CA THR B 9 15.77 17.83 3.64
C THR B 9 15.61 16.58 4.52
N THR B 10 16.05 16.65 5.77
CA THR B 10 15.81 15.54 6.67
C THR B 10 14.32 15.47 7.01
N THR B 11 13.78 14.26 7.02
CA THR B 11 12.37 14.02 7.26
C THR B 11 12.25 13.14 8.48
N LYS B 12 11.35 13.51 9.40
CA LYS B 12 11.02 12.72 10.57
C LYS B 12 9.53 12.44 10.57
N TYR B 13 9.12 11.41 11.32
CA TYR B 13 7.77 10.88 11.23
C TYR B 13 7.18 10.71 12.62
N ILE B 14 5.89 10.98 12.74
CA ILE B 14 5.13 10.63 13.92
C ILE B 14 3.94 9.81 13.44
N PHE B 15 3.85 8.57 13.89
CA PHE B 15 2.72 7.70 13.55
C PHE B 15 1.63 7.88 14.59
N VAL B 16 0.45 8.36 14.17
CA VAL B 16 -0.59 8.73 15.08
C VAL B 16 -1.79 7.77 14.88
N PRO B 17 -2.07 6.89 15.83
CA PRO B 17 -3.25 6.04 15.69
C PRO B 17 -4.51 6.84 15.94
N ILE B 18 -5.58 6.40 15.28
CA ILE B 18 -6.94 6.82 15.58
C ILE B 18 -7.66 5.52 15.91
N ALA B 19 -8.01 5.35 17.18
CA ALA B 19 -8.46 4.03 17.61
C ALA B 19 -9.26 4.17 18.88
N THR B 20 -9.85 3.06 19.29
CA THR B 20 -10.50 2.99 20.58
C THR B 20 -9.92 1.82 21.33
N ILE B 21 -10.42 1.62 22.53
CA ILE B 21 -10.01 0.44 23.27
C ILE B 21 -10.35 -0.81 22.48
N GLY B 22 -9.47 -1.82 22.56
CA GLY B 22 -9.71 -3.10 21.92
C GLY B 22 -9.31 -3.18 20.45
N CYS B 23 -8.59 -2.18 19.94
CA CYS B 23 -8.25 -2.16 18.53
C CYS B 23 -6.88 -2.75 18.24
N GLY B 24 -6.13 -3.15 19.26
CA GLY B 24 -4.85 -3.78 19.08
C GLY B 24 -3.72 -2.83 18.70
N LYS B 25 -3.85 -1.53 18.99
CA LYS B 25 -2.81 -0.60 18.56
C LYS B 25 -1.46 -0.87 19.25
N THR B 26 -1.46 -1.26 20.53
CA THR B 26 -0.19 -1.46 21.21
C THR B 26 0.52 -2.72 20.70
N THR B 27 -0.24 -3.77 20.43
CA THR B 27 0.33 -4.96 19.80
C THR B 27 0.93 -4.64 18.42
N VAL B 28 0.19 -3.88 17.60
CA VAL B 28 0.68 -3.50 16.27
C VAL B 28 1.97 -2.67 16.39
N PHE B 29 1.97 -1.68 17.28
CA PHE B 29 3.16 -0.85 17.42
C PHE B 29 4.35 -1.64 17.97
N ASN B 30 4.11 -2.52 18.96
CA ASN B 30 5.18 -3.37 19.47
C ASN B 30 5.78 -4.25 18.37
N THR B 31 4.92 -4.85 17.53
CA THR B 31 5.44 -5.68 16.44
C THR B 31 6.33 -4.86 15.51
N LEU B 32 5.85 -3.67 15.12
CA LEU B 32 6.64 -2.82 14.22
C LEU B 32 7.97 -2.40 14.85
N ASN B 33 7.94 -2.03 16.14
CA ASN B 33 9.17 -1.66 16.83
C ASN B 33 10.12 -2.84 16.96
N ASN B 34 9.59 -4.05 17.11
CA ASN B 34 10.44 -5.24 17.10
C ASN B 34 11.16 -5.39 15.76
N LEU B 35 10.46 -5.15 14.66
CA LEU B 35 11.07 -5.23 13.34
C LEU B 35 12.05 -4.09 13.09
N PHE B 36 11.76 -2.92 13.64
CA PHE B 36 12.55 -1.71 13.41
C PHE B 36 12.92 -1.15 14.78
N PRO B 37 14.00 -1.67 15.37
CA PRO B 37 14.33 -1.28 16.74
C PRO B 37 14.68 0.19 16.90
N GLN B 38 15.13 0.87 15.84
CA GLN B 38 15.54 2.26 16.01
C GLN B 38 14.37 3.22 16.04
N TRP B 39 13.16 2.76 15.73
CA TRP B 39 11.97 3.56 15.99
C TRP B 39 11.74 3.64 17.50
N THR B 40 11.05 4.70 17.92
CA THR B 40 10.74 4.86 19.34
C THR B 40 9.24 4.72 19.57
N HIS B 41 8.88 3.86 20.52
CA HIS B 41 7.49 3.60 20.87
C HIS B 41 7.22 4.31 22.19
N ILE B 42 6.41 5.36 22.16
CA ILE B 42 6.07 6.10 23.37
C ILE B 42 4.63 5.75 23.73
N GLN B 43 4.45 5.10 24.88
CA GLN B 43 3.15 4.62 25.32
C GLN B 43 2.57 5.60 26.34
N ASN B 44 1.45 6.22 25.99
CA ASN B 44 0.83 7.20 26.88
C ASN B 44 0.45 6.57 28.21
N ASP B 45 -0.08 5.36 28.18
CA ASP B 45 -0.52 4.72 29.43
C ASP B 45 0.64 4.32 30.33
N ASN B 46 1.88 4.37 29.84
CA ASN B 46 3.02 4.00 30.69
C ASN B 46 3.76 5.21 31.25
N ILE B 47 3.35 6.42 30.90
CA ILE B 47 4.00 7.61 31.44
C ILE B 47 3.41 7.86 32.82
N SER B 48 4.27 8.10 33.80
CA SER B 48 3.77 8.39 35.13
C SER B 48 3.01 9.70 35.08
N LYS B 49 1.82 9.74 35.71
CA LYS B 49 1.07 10.98 35.63
C LYS B 49 1.63 12.05 36.56
N LYS B 50 2.50 11.67 37.49
CA LYS B 50 3.21 12.66 38.28
C LYS B 50 4.35 13.30 37.51
N ALA B 51 4.78 12.74 36.38
CA ALA B 51 5.88 13.32 35.63
C ALA B 51 5.47 14.68 35.08
N LYS B 52 6.41 15.63 35.11
CA LYS B 52 6.12 16.94 34.58
C LYS B 52 5.88 16.91 33.07
N LEU B 53 6.58 16.06 32.33
CA LEU B 53 6.42 15.99 30.88
C LEU B 53 5.36 14.97 30.46
N LYS B 54 4.61 15.34 29.42
CA LYS B 54 3.56 14.52 28.79
C LYS B 54 4.05 13.96 27.45
N ILE B 55 3.18 13.18 26.80
CA ILE B 55 3.59 12.38 25.64
C ILE B 55 4.07 13.26 24.49
N CYS B 56 3.50 14.46 24.32
CA CYS B 56 3.93 15.32 23.22
C CYS B 56 5.33 15.88 23.48
N ASP B 57 5.70 16.09 24.76
CA ASP B 57 7.06 16.45 25.12
C ASP B 57 8.04 15.32 24.83
N LEU B 58 7.72 14.10 25.28
CA LEU B 58 8.61 12.96 25.02
C LEU B 58 8.74 12.70 23.53
N THR B 59 7.68 12.92 22.76
CA THR B 59 7.77 12.75 21.31
C THR B 59 8.85 13.68 20.73
N LEU B 60 8.86 14.95 21.15
CA LEU B 60 9.88 15.84 20.61
C LEU B 60 11.26 15.44 21.08
N LEU B 61 11.39 15.02 22.35
CA LEU B 61 12.69 14.56 22.85
C LEU B 61 13.20 13.39 22.02
N ALA B 62 12.31 12.51 21.60
CA ALA B 62 12.67 11.32 20.84
C ALA B 62 12.87 11.59 19.36
N LEU B 63 12.92 12.85 18.94
CA LEU B 63 13.25 13.22 17.57
C LEU B 63 14.41 14.20 17.52
N GLU B 64 15.01 14.54 18.67
CA GLU B 64 16.06 15.54 18.71
C GLU B 64 17.34 15.02 18.09
N ASP B 65 17.57 13.72 18.18
CA ASP B 65 18.84 13.14 17.78
C ASP B 65 18.79 12.77 16.30
N ASP B 66 19.98 12.75 15.67
CA ASP B 66 20.09 12.29 14.29
C ASP B 66 19.77 10.81 14.12
N ASP B 67 19.96 10.00 15.16
CA ASP B 67 19.59 8.58 15.11
C ASP B 67 18.08 8.36 15.13
N GLN B 68 17.29 9.40 15.43
CA GLN B 68 15.88 9.23 15.71
C GLN B 68 15.04 9.79 14.57
N SER B 69 14.30 8.91 13.91
CA SER B 69 13.54 9.25 12.72
C SER B 69 12.04 9.08 12.88
N VAL B 70 11.60 8.13 13.72
CA VAL B 70 10.21 7.71 13.80
C VAL B 70 9.81 7.66 15.27
N VAL B 71 8.64 8.19 15.58
CA VAL B 71 8.01 7.99 16.88
C VAL B 71 6.67 7.32 16.64
N LEU B 72 6.43 6.20 17.32
CA LEU B 72 5.12 5.56 17.34
C LEU B 72 4.35 6.15 18.51
N PHE B 73 3.40 7.02 18.22
CA PHE B 73 2.72 7.82 19.24
C PHE B 73 1.55 7.01 19.79
N ASP B 74 1.78 6.24 20.86
CA ASP B 74 0.80 5.25 21.30
C ASP B 74 -0.21 5.89 22.24
N ARG B 75 -1.31 6.37 21.66
CA ARG B 75 -2.45 6.91 22.40
C ARG B 75 -3.65 6.76 21.48
N ASN B 76 -4.86 6.64 22.06
CA ASN B 76 -6.03 6.36 21.23
C ASN B 76 -6.36 7.51 20.28
N ASN B 77 -6.35 8.75 20.78
CA ASN B 77 -6.71 9.93 19.97
C ASN B 77 -8.10 9.78 19.32
N SER B 78 -9.06 9.24 20.07
CA SER B 78 -10.37 9.01 19.48
C SER B 78 -11.13 10.31 19.23
N ALA B 79 -10.88 11.36 20.02
CA ALA B 79 -11.55 12.64 19.82
C ALA B 79 -10.65 13.56 18.99
N SER B 80 -11.27 14.34 18.11
CA SER B 80 -10.52 15.23 17.21
C SER B 80 -9.65 16.21 17.97
N ARG B 81 -10.08 16.62 19.17
CA ARG B 81 -9.24 17.54 19.94
C ARG B 81 -7.94 16.89 20.36
N GLU B 82 -7.92 15.56 20.48
CA GLU B 82 -6.66 14.87 20.76
C GLU B 82 -5.72 14.98 19.55
N ARG B 83 -6.25 14.89 18.33
CA ARG B 83 -5.40 15.12 17.16
C ARG B 83 -4.98 16.60 17.07
N ARG B 84 -5.90 17.49 17.43
CA ARG B 84 -5.57 18.90 17.46
C ARG B 84 -4.48 19.22 18.46
N GLN B 85 -4.50 18.54 19.60
CA GLN B 85 -3.46 18.76 20.59
C GLN B 85 -2.11 18.33 20.06
N ILE B 86 -2.06 17.23 19.32
CA ILE B 86 -0.79 16.77 18.77
C ILE B 86 -0.23 17.79 17.79
N PHE B 87 -1.04 18.16 16.79
CA PHE B 87 -0.55 19.08 15.77
C PHE B 87 -0.15 20.41 16.38
N THR B 88 -1.03 20.99 17.20
CA THR B 88 -0.76 22.32 17.75
C THR B 88 0.43 22.30 18.70
N THR B 89 0.49 21.31 19.59
CA THR B 89 1.55 21.33 20.59
C THR B 89 2.90 21.07 19.95
N ILE B 90 3.00 20.09 19.03
CA ILE B 90 4.29 19.78 18.44
C ILE B 90 4.75 20.92 17.51
N ASP B 91 3.84 21.50 16.73
CA ASP B 91 4.26 22.62 15.87
C ASP B 91 4.75 23.78 16.71
N GLN B 92 4.08 24.05 17.83
CA GLN B 92 4.45 25.19 18.67
C GLN B 92 5.75 24.95 19.41
N LYS B 93 6.01 23.71 19.81
CA LYS B 93 7.18 23.45 20.64
C LYS B 93 8.37 22.90 19.86
N ARG B 94 8.20 22.56 18.58
CA ARG B 94 9.27 21.84 17.89
C ARG B 94 10.54 22.66 17.76
N ASP B 95 10.44 24.00 17.64
CA ASP B 95 11.63 24.83 17.51
C ASP B 95 12.52 24.77 18.76
N GLU B 96 12.01 24.30 19.89
CA GLU B 96 12.84 24.14 21.07
C GLU B 96 13.60 22.81 21.09
N HIS B 97 13.25 21.89 20.21
CA HIS B 97 13.76 20.53 20.23
C HIS B 97 14.31 20.07 18.89
N LEU B 98 13.67 20.47 17.80
CA LEU B 98 14.07 20.03 16.47
C LEU B 98 14.60 21.21 15.68
N ASP B 99 15.44 20.87 14.72
CA ASP B 99 15.91 21.80 13.73
C ASP B 99 14.82 22.18 12.75
N ASP B 100 14.90 23.47 12.28
CA ASP B 100 13.82 24.05 11.44
C ASP B 100 13.84 23.59 9.97
N THR B 101 14.81 22.88 9.50
CA THR B 101 14.58 22.35 8.16
C THR B 101 13.90 21.04 8.17
N VAL B 102 13.87 20.39 9.33
CA VAL B 102 13.36 19.03 9.36
C VAL B 102 11.92 19.13 8.89
N ASP B 103 11.57 18.33 7.88
CA ASP B 103 10.18 18.21 7.47
C ASP B 103 9.54 17.11 8.33
N LEU B 104 8.52 17.48 9.09
CA LEU B 104 7.88 16.54 10.01
C LEU B 104 6.61 16.04 9.34
N LYS B 105 6.51 14.73 9.18
CA LYS B 105 5.36 14.13 8.52
C LYS B 105 4.54 13.43 9.58
N TYR B 106 3.28 13.78 9.66
CA TYR B 106 2.34 13.15 10.57
C TYR B 106 1.60 12.12 9.74
N ILE B 107 1.65 10.85 10.15
CA ILE B 107 0.99 9.75 9.46
C ILE B 107 -0.10 9.21 10.38
N ALA B 108 -1.35 9.32 9.94
CA ALA B 108 -2.45 8.72 10.69
C ALA B 108 -2.51 7.22 10.40
N ILE B 109 -2.71 6.45 11.44
CA ILE B 109 -2.95 5.02 11.35
C ILE B 109 -4.41 4.82 11.79
N ASN B 110 -5.32 4.65 10.83
CA ASN B 110 -6.74 4.64 11.14
C ASN B 110 -7.17 3.21 11.43
N PHE B 111 -7.45 2.92 12.71
CA PHE B 111 -7.87 1.58 13.09
C PHE B 111 -9.37 1.34 12.90
N ILE B 112 -10.17 2.40 12.75
CA ILE B 112 -11.62 2.27 12.70
C ILE B 112 -12.13 2.76 11.36
N PRO B 113 -12.55 1.88 10.46
CA PRO B 113 -13.07 2.30 9.16
C PRO B 113 -14.26 3.26 9.30
N GLU B 114 -14.32 4.23 8.39
CA GLU B 114 -15.38 5.23 8.43
C GLU B 114 -16.75 4.62 8.13
N ASP B 115 -16.79 3.42 7.55
CA ASP B 115 -18.05 2.72 7.24
C ASP B 115 -18.77 2.20 8.48
N LEU B 116 -18.08 2.06 9.61
CA LEU B 116 -18.64 1.35 10.76
C LEU B 116 -19.62 2.21 11.54
N SER B 117 -20.81 1.65 11.82
CA SER B 117 -21.73 2.26 12.75
C SER B 117 -21.12 2.33 14.16
N GLU B 118 -21.72 3.18 15.00
CA GLU B 118 -21.32 3.24 16.41
C GLU B 118 -21.69 1.97 17.16
N GLU B 119 -22.73 1.26 16.70
CA GLU B 119 -23.15 0.03 17.37
C GLU B 119 -22.26 -1.14 16.97
N GLU B 120 -21.89 -1.25 15.71
CA GLU B 120 -21.03 -2.36 15.33
C GLU B 120 -19.58 -2.14 15.76
N LEU B 121 -19.19 -0.89 16.02
CA LEU B 121 -17.95 -0.66 16.76
C LEU B 121 -18.07 -1.18 18.19
N TRP B 122 -19.22 -0.97 18.82
CA TRP B 122 -19.40 -1.45 20.19
C TRP B 122 -19.37 -2.97 20.24
N ASP B 123 -20.10 -3.64 19.34
CA ASP B 123 -20.18 -5.09 19.38
C ASP B 123 -18.82 -5.72 19.13
N ILE B 124 -18.07 -5.17 18.18
CA ILE B 124 -16.71 -5.64 17.96
C ILE B 124 -15.87 -5.39 19.21
N THR B 125 -15.91 -4.16 19.72
CA THR B 125 -15.12 -3.77 20.89
C THR B 125 -15.53 -4.55 22.13
N TYR B 126 -16.83 -4.77 22.32
CA TYR B 126 -17.29 -5.51 23.48
C TYR B 126 -16.85 -6.97 23.42
N ASN B 127 -16.83 -7.56 22.22
CA ASN B 127 -16.47 -8.97 22.11
C ASN B 127 -14.96 -9.16 22.14
N ARG B 128 -14.20 -8.13 21.76
CA ARG B 128 -12.73 -8.20 21.85
C ARG B 128 -12.24 -8.35 23.27
N VAL B 129 -12.93 -7.70 24.22
CA VAL B 129 -12.48 -7.66 25.60
C VAL B 129 -12.97 -8.89 26.36
N ILE B 130 -13.82 -9.70 25.74
CA ILE B 130 -14.29 -10.96 26.30
C ILE B 130 -13.29 -12.07 25.96
N LEU B 143 -21.07 -5.84 40.10
CA LEU B 143 -20.86 -4.40 40.26
C LEU B 143 -19.77 -3.95 39.30
N ASP B 144 -18.93 -4.89 38.89
CA ASP B 144 -17.84 -4.60 37.98
C ASP B 144 -18.22 -4.74 36.51
N GLU B 145 -19.33 -5.39 36.19
CA GLU B 145 -19.69 -5.52 34.78
C GLU B 145 -20.22 -4.19 34.25
N ASN B 146 -20.96 -3.45 35.07
CA ASN B 146 -21.41 -2.12 34.66
C ASN B 146 -20.24 -1.22 34.29
N LEU B 147 -19.13 -1.31 35.03
CA LEU B 147 -18.05 -0.34 34.85
C LEU B 147 -17.36 -0.53 33.50
N VAL B 148 -16.93 -1.77 33.16
CA VAL B 148 -16.22 -1.98 31.90
C VAL B 148 -17.13 -1.70 30.70
N GLU B 149 -18.40 -1.41 30.98
CA GLU B 149 -19.37 -0.95 29.99
C GLU B 149 -19.58 0.55 30.15
N SER B 150 -19.87 0.99 31.39
CA SER B 150 -20.02 2.42 31.58
C SER B 150 -18.72 3.18 31.42
N VAL B 151 -17.61 2.50 31.20
CA VAL B 151 -16.36 3.18 30.84
C VAL B 151 -15.88 2.81 29.44
N MET B 152 -16.45 1.77 28.81
CA MET B 152 -16.16 1.53 27.41
C MET B 152 -17.20 2.12 26.47
N LYS B 153 -18.30 2.66 27.00
CA LYS B 153 -19.16 3.51 26.19
C LYS B 153 -18.92 4.98 26.47
N GLY B 154 -18.15 5.32 27.49
CA GLY B 154 -17.59 6.66 27.56
C GLY B 154 -16.57 6.89 26.47
N PHE B 155 -15.70 5.91 26.24
CA PHE B 155 -14.73 6.04 25.14
C PHE B 155 -15.43 6.06 23.80
N ILE B 156 -16.35 5.12 23.57
CA ILE B 156 -16.95 4.99 22.25
C ILE B 156 -17.87 6.18 21.98
N GLN B 157 -18.44 6.77 23.03
CA GLN B 157 -19.19 8.00 22.85
C GLN B 157 -18.25 9.11 22.40
N ARG B 158 -17.00 9.11 22.87
CA ARG B 158 -16.07 10.16 22.49
C ARG B 158 -15.39 9.91 21.17
N TYR B 159 -15.83 8.94 20.40
CA TYR B 159 -15.10 8.67 19.18
C TYR B 159 -15.59 9.60 18.08
N GLN B 160 -14.65 10.25 17.40
CA GLN B 160 -14.94 11.15 16.29
C GLN B 160 -14.09 10.65 15.16
N PRO B 161 -14.68 10.14 14.08
CA PRO B 161 -13.91 9.56 12.98
C PRO B 161 -12.96 10.57 12.37
N ILE B 162 -11.88 10.06 11.76
CA ILE B 162 -10.97 10.94 11.05
C ILE B 162 -11.73 11.67 9.95
N ASN B 163 -11.37 12.92 9.72
CA ASN B 163 -12.00 13.72 8.67
C ASN B 163 -10.92 14.63 8.09
N THR B 164 -10.30 14.17 7.01
CA THR B 164 -9.18 14.85 6.37
C THR B 164 -9.58 15.99 5.47
N SER B 165 -10.88 16.29 5.36
CA SER B 165 -11.34 17.44 4.60
C SER B 165 -11.36 18.70 5.44
N ARG B 166 -11.02 18.59 6.71
CA ARG B 166 -11.07 19.75 7.58
C ARG B 166 -10.10 19.59 8.74
N SER B 167 -9.98 20.69 9.48
CA SER B 167 -9.21 20.79 10.70
C SER B 167 -9.79 19.88 11.77
N PRO B 168 -8.93 19.18 12.52
CA PRO B 168 -7.46 19.12 12.48
C PRO B 168 -6.89 18.03 11.57
N ASP B 169 -7.69 17.06 11.16
CA ASP B 169 -7.14 15.87 10.50
C ASP B 169 -6.61 16.17 9.10
N ASP B 170 -6.98 17.30 8.49
CA ASP B 170 -6.42 17.60 7.18
C ASP B 170 -4.92 17.88 7.26
N GLN B 171 -4.36 18.02 8.47
CA GLN B 171 -2.91 18.18 8.58
C GLN B 171 -2.14 16.86 8.46
N PHE B 172 -2.80 15.69 8.51
CA PHE B 172 -2.03 14.47 8.29
C PHE B 172 -1.43 14.49 6.89
N ASP B 173 -0.15 14.14 6.79
CA ASP B 173 0.46 14.03 5.47
C ASP B 173 0.00 12.78 4.74
N HIS B 174 -0.47 11.78 5.47
CA HIS B 174 -0.79 10.50 4.88
C HIS B 174 -1.67 9.73 5.86
N VAL B 175 -2.58 8.90 5.33
CA VAL B 175 -3.44 8.06 6.17
C VAL B 175 -3.31 6.61 5.71
N ILE B 176 -3.07 5.70 6.65
CA ILE B 176 -3.13 4.25 6.42
C ILE B 176 -4.42 3.70 7.00
N HIS B 177 -5.16 2.98 6.17
CA HIS B 177 -6.49 2.49 6.51
C HIS B 177 -6.37 1.03 6.91
N LEU B 178 -6.70 0.75 8.16
CA LEU B 178 -6.57 -0.60 8.70
C LEU B 178 -7.91 -1.34 8.62
N LYS B 179 -7.84 -2.65 8.78
CA LYS B 179 -9.01 -3.49 8.76
C LYS B 179 -9.58 -3.61 10.17
N LEU B 180 -10.91 -3.61 10.27
CA LEU B 180 -11.58 -3.79 11.56
C LEU B 180 -12.88 -4.54 11.26
N SER B 181 -12.88 -5.83 11.52
CA SER B 181 -13.94 -6.70 11.04
C SER B 181 -14.72 -7.39 12.15
N LYS B 182 -16.06 -7.35 12.02
CA LYS B 182 -16.91 -8.41 12.61
C LYS B 182 -16.22 -9.76 12.52
N ASP B 183 -15.68 -10.03 11.36
CA ASP B 183 -15.11 -11.23 10.79
C ASP B 183 -14.24 -11.97 11.78
N GLU B 184 -13.15 -11.30 12.13
CA GLU B 184 -11.90 -11.94 12.51
C GLU B 184 -11.67 -12.08 14.01
N ASN B 185 -10.87 -13.08 14.35
CA ASN B 185 -10.14 -13.08 15.62
C ASN B 185 -9.33 -11.80 15.74
N SER B 186 -9.17 -11.33 16.98
CA SER B 186 -8.56 -10.01 17.17
C SER B 186 -7.06 -10.04 16.96
N LEU B 187 -6.42 -11.19 17.22
CA LEU B 187 -4.97 -11.21 17.05
C LEU B 187 -4.56 -11.50 15.61
N LYS B 188 -5.39 -12.23 14.85
CA LYS B 188 -5.08 -12.41 13.43
C LYS B 188 -5.26 -11.11 12.65
N SER B 189 -6.29 -10.34 12.97
CA SER B 189 -6.47 -9.07 12.29
C SER B 189 -5.36 -8.11 12.66
N SER B 190 -4.87 -8.22 13.89
CA SER B 190 -3.84 -7.30 14.33
C SER B 190 -2.54 -7.61 13.55
N LEU B 191 -2.25 -8.88 13.28
CA LEU B 191 -1.08 -9.23 12.45
C LEU B 191 -1.25 -8.80 11.00
N GLU B 192 -2.46 -8.91 10.45
CA GLU B 192 -2.72 -8.43 9.09
C GLU B 192 -2.54 -6.93 9.01
N ASN B 193 -2.92 -6.21 10.07
CA ASN B 193 -2.76 -4.76 10.07
C ASN B 193 -1.27 -4.38 10.06
N VAL B 194 -0.44 -5.15 10.77
CA VAL B 194 1.00 -4.94 10.68
C VAL B 194 1.47 -5.07 9.24
N ARG B 195 0.95 -6.08 8.52
CA ARG B 195 1.34 -6.26 7.13
C ARG B 195 0.82 -5.15 6.24
N ILE B 196 -0.40 -4.68 6.50
CA ILE B 196 -0.94 -3.56 5.74
C ILE B 196 -0.07 -2.33 5.91
N ILE B 197 0.35 -2.06 7.15
CA ILE B 197 1.16 -0.86 7.41
C ILE B 197 2.50 -0.96 6.69
N ILE B 198 3.13 -2.13 6.76
CA ILE B 198 4.44 -2.32 6.12
C ILE B 198 4.33 -2.11 4.60
N ASP B 199 3.32 -2.73 3.98
CA ASP B 199 3.21 -2.62 2.54
C ASP B 199 2.94 -1.17 2.11
N ASP B 200 2.15 -0.43 2.90
CA ASP B 200 1.88 0.95 2.55
C ASP B 200 3.12 1.83 2.72
N LEU B 201 3.92 1.57 3.76
CA LEU B 201 5.14 2.36 3.91
C LEU B 201 6.15 2.07 2.80
N VAL B 202 6.23 0.80 2.36
CA VAL B 202 7.10 0.47 1.24
C VAL B 202 6.73 1.30 0.01
N GLN B 203 5.43 1.47 -0.22
CA GLN B 203 4.95 2.15 -1.42
C GLN B 203 5.19 3.66 -1.33
N ASN B 204 5.02 4.24 -0.13
CA ASN B 204 5.01 5.69 0.05
C ASN B 204 6.26 6.25 0.70
N PHE B 205 6.97 5.48 1.53
CA PHE B 205 8.13 5.98 2.27
C PHE B 205 9.25 4.94 2.22
N PRO B 206 9.87 4.75 1.05
CA PRO B 206 10.91 3.71 0.94
C PRO B 206 12.14 3.99 1.78
N ASP B 207 12.33 5.23 2.24
CA ASP B 207 13.43 5.55 3.15
C ASP B 207 13.31 4.86 4.51
N LEU B 208 12.09 4.50 4.91
CA LEU B 208 11.88 3.79 6.17
C LEU B 208 11.93 2.28 6.00
N ILE B 209 11.29 1.76 4.94
CA ILE B 209 11.25 0.34 4.63
C ILE B 209 11.45 0.19 3.13
N LYS B 210 12.56 -0.44 2.74
CA LYS B 210 12.82 -0.64 1.31
C LYS B 210 11.99 -1.80 0.76
N GLU B 211 11.82 -2.86 1.55
CA GLU B 211 11.06 -4.03 1.13
C GLU B 211 10.47 -4.68 2.36
N LYS B 212 9.34 -5.35 2.17
CA LYS B 212 8.68 -6.04 3.27
C LYS B 212 9.59 -7.13 3.82
N PRO B 213 9.79 -7.21 5.14
CA PRO B 213 10.62 -8.27 5.70
C PRO B 213 10.04 -9.64 5.42
N ALA B 214 10.89 -10.66 5.52
CA ALA B 214 10.44 -12.03 5.36
C ALA B 214 9.27 -12.32 6.29
N ASP B 215 8.32 -13.12 5.80
CA ASP B 215 7.11 -13.38 6.59
C ASP B 215 7.43 -14.06 7.91
N GLU B 216 8.43 -14.94 7.94
CA GLU B 216 8.81 -15.56 9.20
C GLU B 216 9.34 -14.52 10.18
N LEU B 217 10.10 -13.55 9.68
CA LEU B 217 10.61 -12.49 10.55
C LEU B 217 9.46 -11.69 11.15
N ILE B 218 8.47 -11.31 10.34
CA ILE B 218 7.31 -10.58 10.84
C ILE B 218 6.59 -11.41 11.89
N ASN B 219 6.39 -12.70 11.61
CA ASN B 219 5.67 -13.55 12.55
C ASN B 219 6.41 -13.65 13.87
N GLU B 220 7.74 -13.79 13.83
CA GLU B 220 8.50 -13.87 15.07
C GLU B 220 8.36 -12.58 15.87
N CYS B 221 8.45 -11.43 15.21
CA CYS B 221 8.35 -10.17 15.93
C CYS B 221 6.96 -9.96 16.49
N PHE B 222 5.95 -10.49 15.81
CA PHE B 222 4.58 -10.41 16.30
C PHE B 222 4.38 -11.29 17.52
N GLN B 223 4.91 -12.52 17.48
CA GLN B 223 4.78 -13.38 18.65
C GLN B 223 5.60 -12.81 19.81
N LYS B 224 6.75 -12.19 19.52
CA LYS B 224 7.52 -11.59 20.59
C LYS B 224 6.78 -10.40 21.17
N ALA B 225 5.94 -9.72 20.37
CA ALA B 225 5.06 -8.71 20.92
C ALA B 225 3.99 -9.34 21.79
N LEU B 226 3.51 -10.53 21.39
CA LEU B 226 2.51 -11.24 22.17
C LEU B 226 3.09 -11.86 23.44
N ASP B 227 4.33 -12.35 23.39
CA ASP B 227 4.88 -13.12 24.50
C ASP B 227 5.59 -12.25 25.53
N TYR B 228 5.96 -11.03 25.18
CA TYR B 228 6.35 -10.01 26.16
C TYR B 228 5.12 -9.13 26.36
N LYS B 229 4.28 -9.55 27.31
CA LYS B 229 3.04 -8.85 27.64
C LYS B 229 2.85 -8.89 29.15
N PRO B 230 3.46 -7.95 29.88
CA PRO B 230 3.42 -7.95 31.35
C PRO B 230 2.03 -7.58 31.90
P PO4 C . 6.81 -10.98 -19.86
O1 PO4 C . 5.50 -11.63 -19.45
O2 PO4 C . 7.89 -12.04 -19.92
O3 PO4 C . 6.72 -10.31 -21.22
O4 PO4 C . 7.19 -9.94 -18.81
P PO4 D . -5.62 -1.51 23.14
O1 PO4 D . -5.97 -2.15 24.46
O2 PO4 D . -6.03 -2.46 22.04
O3 PO4 D . -6.34 -0.19 23.03
O4 PO4 D . -4.12 -1.27 23.05
#